data_3FWY
#
_entry.id   3FWY
#
_cell.length_a   56.729
_cell.length_b   86.622
_cell.length_c   117.169
_cell.angle_alpha   90.00
_cell.angle_beta   90.00
_cell.angle_gamma   90.00
#
_symmetry.space_group_name_H-M   'P 21 21 21'
#
loop_
_entity.id
_entity.type
_entity.pdbx_description
1 polymer 'Light-independent protochlorophyllide reductase iron-sulfur ATP-binding protein'
2 non-polymer 'MAGNESIUM ION'
3 non-polymer "ADENOSINE-5'-DIPHOSPHATE"
4 non-polymer 'IRON/SULFUR CLUSTER'
5 water water
#
_entity_poly.entity_id   1
_entity_poly.type   'polypeptide(L)'
_entity_poly.pdbx_seq_one_letter_code
;MHHHHHHHGMHHHHHHHGSPKDLTIPTGADGEGSVQVHLDEADKITGAKVFAVYGKGGIGKSTTSSNLSAAFSILGKRVL
QIGCDPKHDSTFTLTGSLVPTVIDVLKDVDFHPEELRPEDFVFEGFNGVMCVEAGGPPAGTGCGGYVVGQTVKLLKQHHL
LDDTDVVIFDVLGDVVCGGFAAPLQHADQAVVVTANDFDSIYAMNRIIAAVQAKSKNYKVRLAGCVANRSRATDEVDRFC
KETNFRRLAHMPDLDAIRRSRLKKKTLFEMDEDQDVLAARAEYIRLAESLWRGLDPIDPHSLPDRDIFELLGFD
;
_entity_poly.pdbx_strand_id   A,B
#
loop_
_chem_comp.id
_chem_comp.type
_chem_comp.name
_chem_comp.formula
ADP non-polymer ADENOSINE-5'-DIPHOSPHATE 'C10 H15 N5 O10 P2'
MG non-polymer 'MAGNESIUM ION' 'Mg 2'
SF4 non-polymer 'IRON/SULFUR CLUSTER' 'Fe4 S4'
#
# COMPACT_ATOMS: atom_id res chain seq x y z
N GLY A 47 -9.53 -11.98 30.09
CA GLY A 47 -8.49 -11.33 29.24
C GLY A 47 -9.10 -10.33 28.27
N ALA A 48 -8.25 -9.56 27.62
CA ALA A 48 -8.69 -8.56 26.64
C ALA A 48 -9.28 -9.23 25.41
N LYS A 49 -10.26 -8.57 24.83
CA LYS A 49 -10.74 -8.91 23.48
C LYS A 49 -9.83 -8.14 22.53
N VAL A 50 -9.20 -8.85 21.60
CA VAL A 50 -8.17 -8.25 20.76
C VAL A 50 -8.61 -8.23 19.29
N PHE A 51 -8.54 -7.05 18.68
CA PHE A 51 -8.95 -6.85 17.29
C PHE A 51 -7.76 -6.37 16.48
N ALA A 52 -7.68 -6.82 15.23
CA ALA A 52 -6.67 -6.35 14.29
C ALA A 52 -7.39 -5.82 13.06
N VAL A 53 -7.13 -4.55 12.73
CA VAL A 53 -7.78 -3.84 11.63
C VAL A 53 -6.78 -3.68 10.48
N TYR A 54 -7.15 -4.22 9.32
CA TYR A 54 -6.31 -4.21 8.14
C TYR A 54 -7.09 -3.60 6.98
N GLY A 55 -6.38 -3.30 5.90
CA GLY A 55 -6.98 -2.76 4.67
C GLY A 55 -5.88 -2.13 3.85
N LYS A 56 -6.21 -1.67 2.65
CA LYS A 56 -5.24 -0.94 1.84
C LYS A 56 -4.91 0.42 2.48
N GLY A 57 -3.83 1.02 2.02
CA GLY A 57 -3.43 2.33 2.49
C GLY A 57 -4.46 3.40 2.23
N GLY A 58 -4.67 4.25 3.23
CA GLY A 58 -5.52 5.42 3.10
C GLY A 58 -7.02 5.16 3.05
N ILE A 59 -7.43 3.94 3.38
CA ILE A 59 -8.81 3.53 3.24
C ILE A 59 -9.68 3.84 4.47
N GLY A 60 -9.06 4.17 5.59
CA GLY A 60 -9.79 4.46 6.83
C GLY A 60 -9.48 3.60 8.03
N LYS A 61 -8.35 2.88 8.03
CA LYS A 61 -8.01 2.02 9.16
C LYS A 61 -7.88 2.77 10.48
N SER A 62 -7.17 3.89 10.45
CA SER A 62 -6.91 4.67 11.66
C SER A 62 -8.14 5.42 12.15
N THR A 63 -8.94 5.89 11.19
CA THR A 63 -10.21 6.51 11.49
C THR A 63 -11.13 5.52 12.19
N THR A 64 -11.23 4.32 11.61
CA THR A 64 -12.08 3.27 12.16
C THR A 64 -11.57 2.82 13.52
N SER A 65 -10.26 2.59 13.62
CA SER A 65 -9.66 2.10 14.86
C SER A 65 -9.81 3.11 15.99
N SER A 66 -9.48 4.37 15.71
CA SER A 66 -9.52 5.40 16.75
C SER A 66 -10.91 5.70 17.25
N ASN A 67 -11.86 5.79 16.32
CA ASN A 67 -13.24 6.00 16.72
C ASN A 67 -13.84 4.77 17.40
N LEU A 68 -13.42 3.57 17.01
CA LEU A 68 -13.81 2.37 17.77
C LEU A 68 -13.22 2.38 19.18
N SER A 69 -11.93 2.71 19.30
CA SER A 69 -11.33 2.79 20.63
C SER A 69 -12.08 3.80 21.50
N ALA A 70 -12.42 4.96 20.94
CA ALA A 70 -13.19 5.95 21.68
C ALA A 70 -14.56 5.43 22.08
N ALA A 71 -15.25 4.78 21.16
CA ALA A 71 -16.55 4.16 21.43
C ALA A 71 -16.47 3.13 22.56
N PHE A 72 -15.50 2.20 22.49
CA PHE A 72 -15.33 1.24 23.57
C PHE A 72 -15.08 1.93 24.91
N SER A 73 -14.30 3.01 24.91
CA SER A 73 -14.05 3.75 26.14
C SER A 73 -15.36 4.35 26.70
N ILE A 74 -16.22 4.81 25.80
CA ILE A 74 -17.52 5.37 26.21
C ILE A 74 -18.46 4.28 26.75
N LEU A 75 -18.30 3.07 26.23
CA LEU A 75 -19.02 1.89 26.73
C LEU A 75 -18.45 1.37 28.06
N GLY A 76 -17.43 2.05 28.59
CA GLY A 76 -16.89 1.76 29.91
C GLY A 76 -15.74 0.77 29.92
N LYS A 77 -15.13 0.55 28.75
CA LYS A 77 -14.03 -0.41 28.65
C LYS A 77 -12.66 0.26 28.71
N ARG A 78 -11.69 -0.43 29.29
CA ARG A 78 -10.29 -0.04 29.23
C ARG A 78 -9.74 -0.45 27.85
N VAL A 79 -9.08 0.48 27.17
CA VAL A 79 -8.67 0.25 25.78
C VAL A 79 -7.19 0.54 25.55
N LEU A 80 -6.57 -0.26 24.69
CA LEU A 80 -5.22 0.00 24.21
C LEU A 80 -5.26 -0.08 22.70
N GLN A 81 -4.80 0.98 22.05
CA GLN A 81 -4.69 1.01 20.58
C GLN A 81 -3.22 1.07 20.22
N ILE A 82 -2.81 0.19 19.30
CA ILE A 82 -1.44 0.13 18.82
C ILE A 82 -1.39 0.40 17.30
N GLY A 83 -0.75 1.51 16.93
CA GLY A 83 -0.49 1.80 15.53
C GLY A 83 0.65 0.94 15.01
N CYS A 84 0.41 0.27 13.89
CA CYS A 84 1.35 -0.68 13.28
C CYS A 84 1.54 -0.33 11.81
N ASP A 85 2.01 0.87 11.54
CA ASP A 85 1.95 1.44 10.20
C ASP A 85 3.06 2.48 10.06
N PRO A 86 3.86 2.34 8.99
CA PRO A 86 4.92 3.35 8.82
C PRO A 86 4.42 4.79 8.72
N LYS A 87 3.17 4.98 8.26
CA LYS A 87 2.48 6.27 8.36
C LYS A 87 1.94 6.35 9.78
N HIS A 88 2.71 7.02 10.64
CA HIS A 88 2.58 6.78 12.08
C HIS A 88 1.63 7.71 12.79
N ASP A 89 0.45 7.91 12.21
CA ASP A 89 -0.59 8.75 12.82
C ASP A 89 -1.82 7.95 13.29
N SER A 90 -1.65 6.65 13.54
CA SER A 90 -2.77 5.83 13.98
C SER A 90 -3.50 6.41 15.17
N THR A 91 -2.73 6.82 16.17
CA THR A 91 -3.28 7.29 17.46
C THR A 91 -3.35 8.81 17.58
N PHE A 92 -3.06 9.51 16.49
CA PHE A 92 -3.03 10.97 16.45
C PHE A 92 -4.31 11.63 16.98
N THR A 93 -5.47 11.15 16.56
CA THR A 93 -6.72 11.75 17.02
C THR A 93 -7.09 11.39 18.46
N LEU A 94 -6.43 10.38 19.04
CA LEU A 94 -6.65 10.01 20.43
C LEU A 94 -5.81 10.89 21.37
N THR A 95 -4.60 11.26 20.96
CA THR A 95 -3.73 12.12 21.78
C THR A 95 -3.70 13.60 21.36
N GLY A 96 -4.24 13.91 20.18
CA GLY A 96 -4.14 15.27 19.64
C GLY A 96 -2.73 15.67 19.24
N SER A 97 -1.91 14.68 18.90
CA SER A 97 -0.48 14.85 18.66
C SER A 97 0.09 13.60 18.04
N LEU A 98 1.28 13.70 17.45
CA LEU A 98 2.04 12.51 17.04
C LEU A 98 2.95 12.10 18.20
N VAL A 99 2.53 11.09 18.97
CA VAL A 99 3.31 10.68 20.14
C VAL A 99 4.67 10.16 19.71
N PRO A 100 5.65 10.16 20.64
CA PRO A 100 6.90 9.48 20.35
C PRO A 100 6.62 8.04 19.92
N THR A 101 7.29 7.59 18.88
CA THR A 101 7.04 6.25 18.37
C THR A 101 7.98 5.24 19.00
N VAL A 102 7.64 3.96 18.86
CA VAL A 102 8.53 2.90 19.30
C VAL A 102 9.90 3.04 18.63
N ILE A 103 9.93 3.29 17.32
CA ILE A 103 11.22 3.45 16.63
C ILE A 103 11.96 4.68 17.15
N ASP A 104 11.25 5.77 17.47
CA ASP A 104 11.89 6.96 18.06
C ASP A 104 12.63 6.57 19.31
N VAL A 105 11.94 5.86 20.21
CA VAL A 105 12.50 5.59 21.53
C VAL A 105 13.55 4.49 21.46
N LEU A 106 13.42 3.57 20.51
CA LEU A 106 14.48 2.60 20.23
C LEU A 106 15.77 3.30 19.80
N LYS A 107 15.65 4.25 18.88
CA LYS A 107 16.82 5.01 18.44
C LYS A 107 17.50 5.70 19.61
N ASP A 108 16.69 6.20 20.55
CA ASP A 108 17.21 6.96 21.70
C ASP A 108 18.03 6.11 22.65
N VAL A 109 17.68 4.84 22.82
CA VAL A 109 18.45 3.92 23.66
C VAL A 109 19.42 3.09 22.83
N ASP A 110 19.69 3.50 21.60
CA ASP A 110 20.58 2.80 20.67
C ASP A 110 20.25 1.32 20.52
N PHE A 111 18.96 1.03 20.29
CA PHE A 111 18.48 -0.32 20.01
C PHE A 111 18.84 -1.33 21.11
N HIS A 112 18.76 -0.87 22.34
CA HIS A 112 18.83 -1.72 23.51
C HIS A 112 17.47 -1.59 24.20
N PRO A 113 16.47 -2.32 23.68
CA PRO A 113 15.08 -2.12 24.10
C PRO A 113 14.82 -2.53 25.54
N GLU A 114 15.72 -3.31 26.12
CA GLU A 114 15.66 -3.67 27.54
C GLU A 114 15.70 -2.47 28.49
N GLU A 115 16.19 -1.33 28.00
CA GLU A 115 16.25 -0.09 28.79
C GLU A 115 14.91 0.67 28.84
N LEU A 116 13.97 0.31 27.97
CA LEU A 116 12.69 1.01 27.90
C LEU A 116 11.74 0.58 29.02
N ARG A 117 10.89 1.52 29.46
CA ARG A 117 9.78 1.24 30.38
C ARG A 117 8.48 1.64 29.68
N PRO A 118 7.33 1.11 30.13
CA PRO A 118 6.08 1.43 29.44
C PRO A 118 5.80 2.92 29.31
N GLU A 119 6.17 3.71 30.31
CA GLU A 119 5.98 5.16 30.25
C GLU A 119 6.74 5.83 29.09
N ASP A 120 7.77 5.16 28.56
CA ASP A 120 8.53 5.68 27.42
C ASP A 120 7.77 5.59 26.09
N PHE A 121 6.85 4.65 25.96
CA PHE A 121 6.18 4.41 24.68
C PHE A 121 4.66 4.17 24.72
N VAL A 122 4.07 4.19 25.92
CA VAL A 122 2.62 4.03 26.08
C VAL A 122 2.07 5.35 26.64
N PHE A 123 1.12 5.94 25.92
CA PHE A 123 0.63 7.30 26.23
C PHE A 123 -0.87 7.33 26.42
N GLU A 124 -1.33 8.10 27.40
CA GLU A 124 -2.76 8.24 27.65
C GLU A 124 -3.40 9.27 26.72
N GLY A 125 -4.48 8.86 26.06
CA GLY A 125 -5.26 9.73 25.20
C GLY A 125 -6.69 9.90 25.67
N PHE A 126 -7.56 10.15 24.71
CA PHE A 126 -8.94 10.51 24.99
C PHE A 126 -9.62 9.52 25.93
N ASN A 127 -10.26 10.05 26.97
CA ASN A 127 -11.08 9.26 27.89
C ASN A 127 -10.36 8.04 28.48
N GLY A 128 -9.02 8.13 28.57
CA GLY A 128 -8.20 7.08 29.16
C GLY A 128 -7.71 6.01 28.20
N VAL A 129 -8.02 6.15 26.92
CA VAL A 129 -7.53 5.21 25.93
C VAL A 129 -6.01 5.26 25.88
N MET A 130 -5.37 4.11 26.03
CA MET A 130 -3.90 4.05 26.03
C MET A 130 -3.41 3.80 24.61
N CYS A 131 -2.29 4.43 24.27
CA CYS A 131 -1.85 4.54 22.88
C CYS A 131 -0.37 4.19 22.71
N VAL A 132 -0.08 3.35 21.72
CA VAL A 132 1.28 3.06 21.30
C VAL A 132 1.35 3.23 19.78
N GLU A 133 2.43 3.82 19.29
CA GLU A 133 2.61 4.06 17.86
C GLU A 133 3.94 3.46 17.45
N ALA A 134 3.91 2.42 16.61
CA ALA A 134 5.14 1.77 16.17
C ALA A 134 6.10 2.69 15.45
N GLY A 135 5.58 3.39 14.44
CA GLY A 135 6.44 4.08 13.48
C GLY A 135 6.92 3.11 12.43
N GLY A 136 7.78 3.57 11.54
CA GLY A 136 8.30 2.73 10.48
C GLY A 136 9.79 2.55 10.59
N PRO A 137 10.33 1.55 9.88
CA PRO A 137 11.75 1.28 9.99
C PRO A 137 12.59 2.35 9.32
N PRO A 138 13.80 2.59 9.84
CA PRO A 138 14.66 3.57 9.24
C PRO A 138 15.12 3.14 7.87
N ALA A 139 15.80 4.05 7.18
CA ALA A 139 16.30 3.76 5.85
C ALA A 139 17.19 2.53 5.85
N GLY A 140 16.96 1.64 4.89
CA GLY A 140 17.88 0.54 4.61
C GLY A 140 17.47 -0.77 5.23
N THR A 141 16.72 -0.67 6.32
CA THR A 141 16.13 -1.80 6.99
C THR A 141 15.68 -2.89 6.03
N GLY A 142 16.21 -4.08 6.21
CA GLY A 142 15.69 -5.25 5.57
C GLY A 142 14.19 -5.15 5.57
N CYS A 143 13.57 -5.86 6.51
CA CYS A 143 12.16 -6.18 6.44
C CYS A 143 11.27 -5.00 6.84
N GLY A 144 10.32 -4.66 5.98
CA GLY A 144 9.43 -3.53 6.25
C GLY A 144 8.61 -3.62 7.52
N GLY A 145 8.38 -4.84 8.01
CA GLY A 145 7.61 -5.03 9.24
C GLY A 145 8.41 -4.97 10.53
N TYR A 146 9.71 -4.69 10.44
CA TYR A 146 10.59 -4.87 11.58
C TYR A 146 10.17 -4.06 12.81
N VAL A 147 9.74 -2.82 12.63
CA VAL A 147 9.34 -2.02 13.76
C VAL A 147 8.05 -2.52 14.42
N VAL A 148 7.11 -3.02 13.62
CA VAL A 148 5.91 -3.64 14.19
C VAL A 148 6.31 -4.88 15.00
N GLY A 149 7.25 -5.67 14.48
CA GLY A 149 7.78 -6.82 15.23
C GLY A 149 8.39 -6.40 16.58
N GLN A 150 9.18 -5.34 16.57
CA GLN A 150 9.79 -4.83 17.80
C GLN A 150 8.74 -4.31 18.77
N THR A 151 7.68 -3.73 18.23
CA THR A 151 6.58 -3.21 19.05
C THR A 151 5.85 -4.35 19.75
N VAL A 152 5.51 -5.39 19.00
CA VAL A 152 4.78 -6.54 19.55
C VAL A 152 5.66 -7.28 20.58
N LYS A 153 6.97 -7.32 20.37
CA LYS A 153 7.91 -7.83 21.38
C LYS A 153 7.78 -7.07 22.69
N LEU A 154 7.83 -5.74 22.61
CA LEU A 154 7.72 -4.90 23.80
CA LEU A 154 7.71 -4.89 23.80
C LEU A 154 6.36 -5.05 24.49
N LEU A 155 5.29 -5.14 23.70
CA LEU A 155 3.96 -5.34 24.29
C LEU A 155 3.90 -6.60 25.13
N LYS A 156 4.46 -7.69 24.61
CA LYS A 156 4.47 -8.95 25.34
C LYS A 156 5.41 -8.93 26.53
N GLN A 157 6.60 -8.37 26.36
CA GLN A 157 7.58 -8.29 27.45
C GLN A 157 7.09 -7.45 28.63
N HIS A 158 6.26 -6.46 28.35
CA HIS A 158 5.69 -5.60 29.39
C HIS A 158 4.26 -5.97 29.76
N HIS A 159 3.79 -7.10 29.23
CA HIS A 159 2.49 -7.68 29.59
C HIS A 159 1.37 -6.67 29.39
N LEU A 160 1.45 -5.92 28.29
CA LEU A 160 0.50 -4.81 28.06
C LEU A 160 -0.83 -5.23 27.45
N LEU A 161 -0.94 -6.48 26.99
CA LEU A 161 -2.21 -7.01 26.48
C LEU A 161 -3.04 -7.54 27.65
N ASP A 162 -2.43 -7.66 28.83
CA ASP A 162 -3.12 -8.01 30.05
C ASP A 162 -3.56 -6.74 30.76
N ASP A 163 -4.54 -6.88 31.64
CA ASP A 163 -5.06 -5.77 32.45
C ASP A 163 -5.73 -4.69 31.62
N THR A 164 -6.29 -5.09 30.48
CA THR A 164 -7.13 -4.20 29.70
C THR A 164 -8.27 -5.00 29.08
N ASP A 165 -9.30 -4.29 28.63
CA ASP A 165 -10.53 -4.92 28.15
C ASP A 165 -10.59 -5.08 26.65
N VAL A 166 -10.07 -4.10 25.93
CA VAL A 166 -10.08 -4.11 24.47
C VAL A 166 -8.71 -3.68 23.96
N VAL A 167 -8.15 -4.44 23.02
CA VAL A 167 -6.91 -4.06 22.33
C VAL A 167 -7.20 -3.97 20.83
N ILE A 168 -6.83 -2.86 20.20
CA ILE A 168 -7.02 -2.69 18.76
C ILE A 168 -5.67 -2.43 18.11
N PHE A 169 -5.24 -3.34 17.23
CA PHE A 169 -4.08 -3.12 16.38
C PHE A 169 -4.55 -2.51 15.06
N ASP A 170 -3.92 -1.42 14.65
CA ASP A 170 -4.22 -0.69 13.42
C ASP A 170 -3.05 -0.92 12.47
N VAL A 171 -3.25 -1.77 11.47
CA VAL A 171 -2.12 -2.40 10.77
C VAL A 171 -2.10 -2.15 9.26
N LEU A 172 -0.93 -1.82 8.75
CA LEU A 172 -0.72 -1.79 7.30
C LEU A 172 -1.07 -3.15 6.71
N GLY A 173 -1.79 -3.13 5.59
CA GLY A 173 -2.32 -4.33 4.98
C GLY A 173 -2.08 -4.47 3.48
N ASP A 174 -1.26 -3.59 2.91
CA ASP A 174 -0.91 -3.66 1.51
C ASP A 174 -0.07 -4.89 1.25
N VAL A 175 0.72 -5.26 2.27
CA VAL A 175 1.30 -6.61 2.40
C VAL A 175 0.92 -7.12 3.80
N VAL A 176 0.81 -8.44 3.96
CA VAL A 176 0.61 -9.03 5.29
C VAL A 176 1.63 -10.15 5.45
N CYS A 177 2.70 -9.83 6.19
CA CYS A 177 3.85 -10.69 6.31
C CYS A 177 4.79 -10.07 7.32
N GLY A 178 5.70 -10.86 7.87
CA GLY A 178 6.66 -10.35 8.83
C GLY A 178 5.94 -9.71 10.01
N GLY A 179 6.47 -8.59 10.48
CA GLY A 179 5.85 -7.88 11.60
C GLY A 179 4.43 -7.44 11.31
N PHE A 180 4.09 -7.20 10.05
CA PHE A 180 2.69 -6.81 9.74
C PHE A 180 1.70 -7.95 10.00
N ALA A 181 2.19 -9.18 10.02
CA ALA A 181 1.34 -10.33 10.37
C ALA A 181 1.35 -10.63 11.87
N ALA A 182 2.22 -9.96 12.63
CA ALA A 182 2.37 -10.29 14.05
C ALA A 182 1.07 -10.10 14.84
N PRO A 183 0.33 -9.01 14.59
CA PRO A 183 -0.93 -8.88 15.33
C PRO A 183 -1.88 -10.07 15.21
N LEU A 184 -1.81 -10.81 14.10
CA LEU A 184 -2.68 -11.96 13.91
C LEU A 184 -2.45 -13.05 14.94
N GLN A 185 -1.24 -13.13 15.52
CA GLN A 185 -0.93 -14.14 16.53
C GLN A 185 -1.66 -13.86 17.85
N HIS A 186 -2.09 -12.61 18.03
CA HIS A 186 -2.69 -12.17 19.28
C HIS A 186 -4.17 -11.85 19.21
N ALA A 187 -4.68 -11.67 18.00
CA ALA A 187 -6.04 -11.17 17.80
C ALA A 187 -7.07 -12.26 17.96
N ASP A 188 -8.23 -11.89 18.47
CA ASP A 188 -9.40 -12.75 18.45
C ASP A 188 -10.11 -12.60 17.10
N GLN A 189 -10.25 -11.36 16.64
CA GLN A 189 -11.00 -11.06 15.41
C GLN A 189 -10.24 -10.10 14.53
N ALA A 190 -10.28 -10.36 13.23
CA ALA A 190 -9.71 -9.47 12.21
C ALA A 190 -10.84 -8.76 11.51
N VAL A 191 -10.65 -7.47 11.30
CA VAL A 191 -11.63 -6.59 10.65
C VAL A 191 -10.93 -5.94 9.46
N VAL A 192 -11.56 -5.96 8.29
CA VAL A 192 -11.00 -5.31 7.10
C VAL A 192 -11.78 -4.05 6.78
N VAL A 193 -11.07 -2.94 6.58
CA VAL A 193 -11.70 -1.72 6.11
C VAL A 193 -11.56 -1.64 4.59
N THR A 194 -12.65 -1.26 3.94
CA THR A 194 -12.74 -1.27 2.48
C THR A 194 -13.68 -0.15 2.02
N ALA A 195 -13.48 0.30 0.78
CA ALA A 195 -14.49 1.10 0.06
C ALA A 195 -15.04 0.26 -1.07
N ASN A 196 -15.71 0.89 -2.04
CA ASN A 196 -16.28 0.16 -3.18
C ASN A 196 -15.33 0.04 -4.38
N ASP A 197 -14.19 0.68 -4.28
CA ASP A 197 -13.24 0.72 -5.39
C ASP A 197 -12.57 -0.64 -5.59
N PHE A 198 -12.11 -0.87 -6.82
CA PHE A 198 -11.45 -2.12 -7.13
C PHE A 198 -10.28 -2.39 -6.20
N ASP A 199 -9.43 -1.39 -5.99
CA ASP A 199 -8.19 -1.58 -5.22
CA ASP A 199 -8.20 -1.60 -5.26
C ASP A 199 -8.41 -1.95 -3.77
N SER A 200 -9.45 -1.42 -3.14
CA SER A 200 -9.69 -1.74 -1.76
C SER A 200 -10.30 -3.15 -1.63
N ILE A 201 -11.16 -3.54 -2.57
CA ILE A 201 -11.76 -4.87 -2.51
C ILE A 201 -10.72 -5.97 -2.82
N TYR A 202 -9.88 -5.70 -3.81
CA TYR A 202 -8.79 -6.60 -4.15
C TYR A 202 -7.87 -6.80 -2.95
N ALA A 203 -7.51 -5.71 -2.28
CA ALA A 203 -6.72 -5.82 -1.05
C ALA A 203 -7.45 -6.62 0.02
N MET A 204 -8.75 -6.37 0.18
CA MET A 204 -9.55 -7.09 1.16
C MET A 204 -9.53 -8.60 0.89
N ASN A 205 -9.68 -8.97 -0.37
CA ASN A 205 -9.64 -10.37 -0.75
C ASN A 205 -8.30 -11.02 -0.37
N ARG A 206 -7.20 -10.33 -0.63
CA ARG A 206 -5.88 -10.83 -0.24
C ARG A 206 -5.68 -10.91 1.26
N ILE A 207 -6.23 -9.94 1.97
CA ILE A 207 -6.15 -9.96 3.44
C ILE A 207 -6.96 -11.14 4.04
N ILE A 208 -8.13 -11.41 3.46
CA ILE A 208 -8.91 -12.58 3.86
C ILE A 208 -8.06 -13.84 3.71
N ALA A 209 -7.42 -14.01 2.56
CA ALA A 209 -6.56 -15.16 2.34
C ALA A 209 -5.45 -15.22 3.39
N ALA A 210 -4.82 -14.08 3.67
CA ALA A 210 -3.73 -14.03 4.64
C ALA A 210 -4.16 -14.46 6.04
N VAL A 211 -5.32 -13.97 6.46
CA VAL A 211 -5.83 -14.29 7.79
C VAL A 211 -6.17 -15.79 7.85
N GLN A 212 -6.83 -16.31 6.81
CA GLN A 212 -7.23 -17.72 6.82
C GLN A 212 -6.04 -18.67 6.74
N ALA A 213 -4.94 -18.22 6.15
CA ALA A 213 -3.71 -19.01 6.12
C ALA A 213 -3.13 -19.29 7.52
N LYS A 214 -3.55 -18.50 8.51
CA LYS A 214 -3.12 -18.71 9.90
C LYS A 214 -4.05 -19.62 10.72
N SER A 215 -5.10 -20.15 10.09
CA SER A 215 -6.21 -20.71 10.86
C SER A 215 -5.89 -21.94 11.71
N LYS A 216 -4.87 -22.70 11.31
CA LYS A 216 -4.45 -23.88 12.08
C LYS A 216 -3.38 -23.55 13.13
N ASN A 217 -2.86 -22.33 13.10
CA ASN A 217 -1.79 -21.91 14.01
C ASN A 217 -2.24 -20.89 15.06
N TYR A 218 -3.20 -20.04 14.68
CA TYR A 218 -3.68 -18.96 15.54
C TYR A 218 -5.18 -19.10 15.76
N LYS A 219 -5.69 -18.50 16.84
CA LYS A 219 -7.13 -18.49 17.09
C LYS A 219 -7.90 -17.43 16.28
N VAL A 220 -7.19 -16.43 15.76
CA VAL A 220 -7.84 -15.30 15.06
C VAL A 220 -8.78 -15.78 13.98
N ARG A 221 -9.96 -15.19 13.91
CA ARG A 221 -10.85 -15.43 12.79
C ARG A 221 -11.35 -14.10 12.26
N LEU A 222 -11.82 -14.09 11.02
CA LEU A 222 -12.37 -12.86 10.42
C LEU A 222 -13.76 -12.54 10.96
N ALA A 223 -13.95 -11.30 11.38
CA ALA A 223 -15.28 -10.83 11.78
C ALA A 223 -16.07 -10.34 10.59
N GLY A 224 -15.40 -9.65 9.67
CA GLY A 224 -16.06 -9.06 8.50
C GLY A 224 -15.36 -7.77 8.11
N CYS A 225 -16.08 -6.92 7.38
CA CYS A 225 -15.52 -5.65 6.92
C CYS A 225 -16.35 -4.45 7.34
N VAL A 226 -15.67 -3.31 7.41
CA VAL A 226 -16.31 -2.03 7.53
C VAL A 226 -16.21 -1.33 6.18
N ALA A 227 -17.36 -1.05 5.57
CA ALA A 227 -17.40 -0.29 4.34
C ALA A 227 -17.32 1.18 4.76
N ASN A 228 -16.30 1.86 4.28
CA ASN A 228 -15.94 3.18 4.79
C ASN A 228 -15.76 4.21 3.68
N ARG A 229 -16.27 5.41 3.94
CA ARG A 229 -16.06 6.59 3.07
C ARG A 229 -16.67 6.41 1.68
N SER A 230 -17.84 5.81 1.63
CA SER A 230 -18.57 5.61 0.40
C SER A 230 -20.03 5.87 0.64
N ARG A 231 -20.74 6.30 -0.40
CA ARG A 231 -22.15 6.59 -0.29
C ARG A 231 -23.04 5.36 -0.10
N ALA A 232 -22.80 4.33 -0.88
CA ALA A 232 -23.46 3.06 -0.71
C ALA A 232 -22.43 1.92 -0.76
N THR A 233 -22.88 0.70 -0.92
CA THR A 233 -22.05 -0.47 -0.67
C THR A 233 -22.24 -1.58 -1.68
N ASP A 234 -22.72 -1.22 -2.86
N ASP A 234 -22.70 -1.24 -2.87
CA ASP A 234 -23.10 -2.19 -3.88
CA ASP A 234 -23.12 -2.27 -3.83
C ASP A 234 -21.97 -3.20 -4.16
C ASP A 234 -21.98 -3.22 -4.23
N GLU A 235 -20.78 -2.67 -4.45
CA GLU A 235 -19.65 -3.50 -4.85
C GLU A 235 -19.13 -4.36 -3.69
N VAL A 236 -19.07 -3.75 -2.51
CA VAL A 236 -18.68 -4.48 -1.31
C VAL A 236 -19.64 -5.66 -1.05
N ASP A 237 -20.94 -5.40 -1.16
CA ASP A 237 -21.95 -6.43 -0.95
C ASP A 237 -21.89 -7.53 -2.01
N ARG A 238 -21.59 -7.17 -3.25
CA ARG A 238 -21.40 -8.14 -4.32
C ARG A 238 -20.23 -9.05 -4.00
N PHE A 239 -19.13 -8.45 -3.56
CA PHE A 239 -17.98 -9.22 -3.11
C PHE A 239 -18.29 -10.13 -1.93
N CYS A 240 -18.96 -9.59 -0.91
CA CYS A 240 -19.32 -10.36 0.27
C CYS A 240 -20.21 -11.57 -0.07
N LYS A 241 -21.17 -11.37 -0.98
CA LYS A 241 -22.04 -12.46 -1.41
C LYS A 241 -21.25 -13.59 -2.07
N GLU A 242 -20.22 -13.26 -2.84
CA GLU A 242 -19.46 -14.28 -3.56
C GLU A 242 -18.58 -15.09 -2.63
N THR A 243 -18.18 -14.49 -1.52
CA THR A 243 -17.18 -15.05 -0.59
C THR A 243 -17.78 -15.43 0.76
N ASN A 244 -19.10 -15.32 0.90
CA ASN A 244 -19.77 -15.49 2.20
C ASN A 244 -19.14 -14.62 3.30
N PHE A 245 -18.75 -13.41 2.94
CA PHE A 245 -18.15 -12.47 3.90
C PHE A 245 -19.24 -11.55 4.43
N ARG A 246 -18.92 -10.79 5.46
CA ARG A 246 -19.91 -10.03 6.19
C ARG A 246 -19.53 -8.57 6.27
N ARG A 247 -20.49 -7.70 5.95
CA ARG A 247 -20.31 -6.27 6.17
C ARG A 247 -20.86 -5.94 7.57
N LEU A 248 -19.96 -5.50 8.44
CA LEU A 248 -20.24 -5.23 9.84
C LEU A 248 -20.86 -3.87 10.08
N ALA A 249 -20.50 -2.93 9.23
CA ALA A 249 -20.89 -1.54 9.37
C ALA A 249 -20.65 -0.80 8.07
N HIS A 250 -21.34 0.33 7.94
CA HIS A 250 -21.13 1.24 6.83
C HIS A 250 -20.98 2.65 7.36
N MET A 251 -19.83 3.26 7.11
CA MET A 251 -19.62 4.64 7.49
C MET A 251 -19.53 5.44 6.20
N PRO A 252 -20.47 6.36 5.97
CA PRO A 252 -20.39 7.19 4.78
C PRO A 252 -19.19 8.15 4.78
N ASP A 253 -19.00 8.85 3.68
CA ASP A 253 -18.01 9.92 3.61
C ASP A 253 -18.65 11.10 4.32
N LEU A 254 -18.19 11.34 5.56
CA LEU A 254 -18.83 12.31 6.43
C LEU A 254 -17.94 13.50 6.69
N ASP A 255 -18.52 14.68 6.51
N ASP A 255 -18.50 14.69 6.53
CA ASP A 255 -17.88 15.94 6.84
CA ASP A 255 -17.76 15.91 6.85
C ASP A 255 -17.38 15.92 8.29
C ASP A 255 -17.35 15.93 8.32
N ALA A 256 -18.23 15.43 9.19
CA ALA A 256 -17.90 15.33 10.62
C ALA A 256 -16.59 14.57 10.86
N ILE A 257 -16.37 13.51 10.10
CA ILE A 257 -15.15 12.70 10.25
C ILE A 257 -13.91 13.39 9.70
N ARG A 258 -14.02 13.95 8.49
CA ARG A 258 -12.86 14.63 7.89
C ARG A 258 -12.37 15.76 8.77
N ARG A 259 -13.31 16.51 9.32
CA ARG A 259 -12.99 17.65 10.19
C ARG A 259 -12.35 17.20 11.50
N SER A 260 -12.83 16.09 12.03
CA SER A 260 -12.29 15.57 13.28
C SER A 260 -10.78 15.40 13.21
N ARG A 261 -10.28 14.81 12.12
CA ARG A 261 -8.85 14.63 11.93
C ARG A 261 -8.16 16.00 11.85
N LEU A 262 -8.81 16.97 11.23
CA LEU A 262 -8.26 18.34 11.13
C LEU A 262 -8.29 19.08 12.48
N LYS A 263 -9.14 18.67 13.40
CA LYS A 263 -9.15 19.23 14.75
C LYS A 263 -8.36 18.37 15.73
N LYS A 264 -7.75 17.32 15.22
CA LYS A 264 -6.88 16.41 15.97
C LYS A 264 -7.65 15.68 17.07
N LYS A 265 -8.88 15.27 16.74
CA LYS A 265 -9.81 14.67 17.69
C LYS A 265 -10.61 13.54 17.08
N THR A 266 -11.14 12.66 17.93
CA THR A 266 -12.09 11.66 17.48
C THR A 266 -13.47 12.30 17.44
N LEU A 267 -14.40 11.66 16.74
CA LEU A 267 -15.80 12.08 16.74
C LEU A 267 -16.36 12.28 18.15
N PHE A 268 -15.87 11.48 19.10
CA PHE A 268 -16.35 11.49 20.48
C PHE A 268 -15.77 12.63 21.34
N GLU A 269 -14.55 13.06 21.03
CA GLU A 269 -13.91 14.18 21.72
C GLU A 269 -14.34 15.51 21.11
N MET A 270 -14.87 15.48 19.89
CA MET A 270 -15.34 16.68 19.20
C MET A 270 -16.42 17.41 19.96
N ASP A 271 -16.54 18.71 19.69
CA ASP A 271 -17.68 19.50 20.15
C ASP A 271 -18.94 18.90 19.55
N GLU A 272 -19.98 18.77 20.38
CA GLU A 272 -21.27 18.23 19.95
C GLU A 272 -21.94 19.06 18.85
N ASP A 273 -22.30 18.40 17.76
CA ASP A 273 -23.32 18.90 16.84
C ASP A 273 -24.09 17.70 16.29
N GLN A 274 -25.09 17.95 15.44
CA GLN A 274 -25.98 16.88 14.98
C GLN A 274 -25.28 15.84 14.12
N ASP A 275 -24.45 16.29 13.16
CA ASP A 275 -23.74 15.37 12.26
C ASP A 275 -22.81 14.41 13.01
N VAL A 276 -22.19 14.91 14.07
CA VAL A 276 -21.38 14.08 14.96
C VAL A 276 -22.21 12.94 15.59
N LEU A 277 -23.42 13.26 16.04
CA LEU A 277 -24.24 12.29 16.77
C LEU A 277 -24.55 11.01 16.01
N ALA A 278 -24.89 11.15 14.73
CA ALA A 278 -25.19 9.98 13.88
C ALA A 278 -23.98 9.07 13.70
N ALA A 279 -22.83 9.69 13.39
CA ALA A 279 -21.59 8.95 13.18
C ALA A 279 -21.17 8.24 14.47
N ARG A 280 -21.27 8.95 15.59
CA ARG A 280 -20.98 8.35 16.90
C ARG A 280 -21.81 7.10 17.11
N ALA A 281 -23.11 7.19 16.83
CA ALA A 281 -24.05 6.09 17.04
C ALA A 281 -23.65 4.82 16.28
N GLU A 282 -23.15 4.96 15.05
CA GLU A 282 -22.77 3.80 14.24
C GLU A 282 -21.50 3.16 14.81
N TYR A 283 -20.56 3.98 15.29
CA TYR A 283 -19.35 3.43 15.93
C TYR A 283 -19.71 2.72 17.22
N ILE A 284 -20.63 3.30 17.99
CA ILE A 284 -21.12 2.64 19.23
C ILE A 284 -21.79 1.33 18.87
N ARG A 285 -22.65 1.33 17.86
CA ARG A 285 -23.30 0.10 17.42
C ARG A 285 -22.29 -0.97 17.04
N LEU A 286 -21.27 -0.58 16.29
CA LEU A 286 -20.27 -1.52 15.83
C LEU A 286 -19.49 -2.07 17.01
N ALA A 287 -19.09 -1.19 17.93
CA ALA A 287 -18.36 -1.59 19.13
C ALA A 287 -19.19 -2.55 19.98
N GLU A 288 -20.48 -2.24 20.15
CA GLU A 288 -21.38 -3.12 20.90
C GLU A 288 -21.42 -4.50 20.27
N SER A 289 -21.51 -4.57 18.94
CA SER A 289 -21.61 -5.86 18.26
C SER A 289 -20.33 -6.70 18.41
N LEU A 290 -19.18 -6.03 18.33
CA LEU A 290 -17.88 -6.69 18.50
C LEU A 290 -17.65 -7.15 19.95
N TRP A 291 -18.08 -6.33 20.92
CA TRP A 291 -17.98 -6.71 22.32
C TRP A 291 -18.85 -7.93 22.65
N ARG A 292 -20.10 -7.87 22.24
CA ARG A 292 -21.06 -8.95 22.44
C ARG A 292 -20.60 -10.22 21.76
N GLY A 293 -19.96 -10.05 20.61
CA GLY A 293 -19.57 -11.16 19.77
C GLY A 293 -20.62 -11.44 18.72
N LEU A 294 -20.17 -11.88 17.56
CA LEU A 294 -21.05 -12.21 16.47
C LEU A 294 -21.11 -13.71 16.30
N ASP A 295 -22.12 -14.17 15.56
CA ASP A 295 -22.12 -15.53 15.09
C ASP A 295 -21.02 -15.69 14.06
N PRO A 296 -20.46 -16.90 13.93
CA PRO A 296 -19.31 -17.04 13.03
C PRO A 296 -19.67 -16.93 11.55
N ILE A 297 -18.69 -16.43 10.78
CA ILE A 297 -18.67 -16.55 9.34
C ILE A 297 -17.58 -17.56 8.98
N ASP A 298 -17.73 -18.15 7.80
CA ASP A 298 -16.74 -19.04 7.25
C ASP A 298 -16.56 -18.67 5.80
N PRO A 299 -15.89 -17.53 5.56
CA PRO A 299 -15.77 -17.02 4.21
C PRO A 299 -14.65 -17.72 3.44
N HIS A 300 -14.47 -17.34 2.19
CA HIS A 300 -13.34 -17.78 1.40
C HIS A 300 -12.85 -16.63 0.56
N SER A 301 -11.57 -16.62 0.22
CA SER A 301 -11.04 -15.68 -0.74
C SER A 301 -11.15 -16.25 -2.14
N LEU A 302 -11.34 -15.35 -3.10
CA LEU A 302 -11.34 -15.77 -4.51
C LEU A 302 -9.91 -15.81 -5.05
N PRO A 303 -9.66 -16.67 -6.05
CA PRO A 303 -8.41 -16.49 -6.74
C PRO A 303 -8.26 -15.02 -7.20
N ASP A 304 -7.06 -14.46 -7.10
CA ASP A 304 -6.87 -13.03 -7.38
C ASP A 304 -7.38 -12.67 -8.80
N ARG A 305 -7.13 -13.57 -9.73
CA ARG A 305 -7.57 -13.40 -11.11
C ARG A 305 -9.07 -13.19 -11.20
N ASP A 306 -9.82 -13.90 -10.36
CA ASP A 306 -11.28 -13.87 -10.38
C ASP A 306 -11.87 -12.58 -9.81
N ILE A 307 -11.09 -11.82 -9.05
CA ILE A 307 -11.55 -10.52 -8.58
C ILE A 307 -11.69 -9.55 -9.76
N PHE A 308 -10.72 -9.60 -10.67
CA PHE A 308 -10.81 -8.81 -11.89
C PHE A 308 -12.10 -9.14 -12.63
N GLU A 309 -12.42 -10.43 -12.72
CA GLU A 309 -13.63 -10.86 -13.43
C GLU A 309 -14.88 -10.39 -12.70
N LEU A 310 -14.92 -10.66 -11.40
CA LEU A 310 -16.10 -10.33 -10.59
C LEU A 310 -16.46 -8.85 -10.69
N LEU A 311 -15.45 -7.98 -10.64
CA LEU A 311 -15.68 -6.54 -10.59
C LEU A 311 -15.57 -5.85 -11.96
N GLY A 312 -15.60 -6.61 -13.05
CA GLY A 312 -15.65 -6.04 -14.39
C GLY A 312 -14.40 -5.30 -14.81
N PHE A 313 -13.26 -5.83 -14.43
CA PHE A 313 -11.98 -5.14 -14.60
C PHE A 313 -10.96 -6.02 -15.34
N ASP A 314 -11.44 -7.09 -16.00
CA ASP A 314 -10.59 -7.88 -16.89
C ASP A 314 -10.98 -7.61 -18.34
N GLY B 47 24.06 -2.51 -22.88
CA GLY B 47 22.82 -3.31 -22.60
C GLY B 47 21.59 -2.43 -22.46
N ALA B 48 20.51 -3.01 -21.98
CA ALA B 48 19.25 -2.28 -21.81
C ALA B 48 19.39 -1.17 -20.76
N LYS B 49 18.67 -0.08 -20.98
CA LYS B 49 18.45 0.93 -19.93
C LYS B 49 17.32 0.43 -19.07
N VAL B 50 17.56 0.32 -17.76
CA VAL B 50 16.60 -0.32 -16.87
C VAL B 50 16.01 0.69 -15.88
N PHE B 51 14.68 0.81 -15.92
CA PHE B 51 13.93 1.72 -15.08
C PHE B 51 13.07 0.94 -14.11
N ALA B 52 12.93 1.46 -12.90
CA ALA B 52 12.06 0.86 -11.90
C ALA B 52 11.10 1.93 -11.39
N VAL B 53 9.80 1.63 -11.50
CA VAL B 53 8.73 2.57 -11.17
C VAL B 53 8.07 2.12 -9.86
N TYR B 54 8.14 2.99 -8.85
CA TYR B 54 7.60 2.73 -7.50
C TYR B 54 6.59 3.81 -7.14
N GLY B 55 5.83 3.55 -6.08
CA GLY B 55 4.86 4.50 -5.55
C GLY B 55 3.82 3.77 -4.74
N LYS B 56 2.94 4.50 -4.08
CA LYS B 56 1.90 3.86 -3.28
C LYS B 56 0.90 3.14 -4.18
N GLY B 57 0.13 2.25 -3.59
CA GLY B 57 -0.87 1.50 -4.36
C GLY B 57 -1.87 2.47 -4.98
N GLY B 58 -2.26 2.18 -6.23
CA GLY B 58 -3.33 2.92 -6.90
C GLY B 58 -3.03 4.33 -7.38
N ILE B 59 -1.76 4.73 -7.39
CA ILE B 59 -1.38 6.11 -7.69
C ILE B 59 -1.13 6.32 -9.20
N GLY B 60 -0.97 5.23 -9.95
CA GLY B 60 -0.72 5.32 -11.38
C GLY B 60 0.55 4.67 -11.89
N LYS B 61 1.11 3.72 -11.14
CA LYS B 61 2.35 3.06 -11.56
C LYS B 61 2.20 2.29 -12.88
N SER B 62 1.14 1.50 -12.99
CA SER B 62 0.94 0.70 -14.18
C SER B 62 0.51 1.54 -15.37
N THR B 63 -0.22 2.62 -15.10
CA THR B 63 -0.56 3.60 -16.12
C THR B 63 0.70 4.25 -16.69
N THR B 64 1.56 4.73 -15.80
CA THR B 64 2.78 5.40 -16.20
C THR B 64 3.69 4.43 -16.90
N SER B 65 3.85 3.23 -16.34
CA SER B 65 4.73 2.23 -16.93
C SER B 65 4.30 1.80 -18.32
N SER B 66 3.02 1.47 -18.47
CA SER B 66 2.50 0.93 -19.73
C SER B 66 2.56 1.97 -20.84
N ASN B 67 2.18 3.21 -20.54
CA ASN B 67 2.26 4.26 -21.52
C ASN B 67 3.69 4.67 -21.88
N LEU B 68 4.59 4.57 -20.90
CA LEU B 68 6.02 4.79 -21.14
CA LEU B 68 6.02 4.79 -21.15
C LEU B 68 6.57 3.69 -22.04
N SER B 69 6.19 2.44 -21.76
CA SER B 69 6.59 1.31 -22.61
C SER B 69 6.10 1.52 -24.04
N ALA B 70 4.85 1.93 -24.17
CA ALA B 70 4.26 2.20 -25.49
C ALA B 70 4.99 3.36 -26.19
N ALA B 71 5.32 4.39 -25.43
CA ALA B 71 6.08 5.54 -25.95
C ALA B 71 7.47 5.14 -26.46
N PHE B 72 8.20 4.36 -25.67
CA PHE B 72 9.52 3.86 -26.09
C PHE B 72 9.40 3.01 -27.35
N SER B 73 8.35 2.20 -27.43
CA SER B 73 8.10 1.37 -28.60
C SER B 73 7.87 2.21 -29.85
N ILE B 74 7.10 3.28 -29.69
CA ILE B 74 6.81 4.21 -30.78
C ILE B 74 8.09 4.94 -31.23
N LEU B 75 8.98 5.20 -30.28
CA LEU B 75 10.29 5.80 -30.55
C LEU B 75 11.29 4.82 -31.19
N GLY B 76 10.85 3.58 -31.40
CA GLY B 76 11.64 2.58 -32.12
C GLY B 76 12.51 1.69 -31.25
N LYS B 77 12.23 1.66 -29.96
CA LYS B 77 13.02 0.87 -29.00
C LYS B 77 12.35 -0.48 -28.73
N ARG B 78 13.18 -1.50 -28.51
CA ARG B 78 12.70 -2.77 -28.01
C ARG B 78 12.45 -2.61 -26.53
N VAL B 79 11.30 -3.11 -26.04
CA VAL B 79 10.86 -2.85 -24.66
C VAL B 79 10.42 -4.14 -23.96
N LEU B 80 10.81 -4.25 -22.68
CA LEU B 80 10.31 -5.30 -21.79
C LEU B 80 9.74 -4.63 -20.54
N GLN B 81 8.47 -4.90 -20.24
CA GLN B 81 7.85 -4.43 -19.01
C GLN B 81 7.58 -5.63 -18.11
N ILE B 82 7.92 -5.47 -16.84
CA ILE B 82 7.74 -6.50 -15.82
C ILE B 82 6.87 -5.98 -14.69
N GLY B 83 5.67 -6.53 -14.58
CA GLY B 83 4.80 -6.29 -13.44
C GLY B 83 5.33 -6.99 -12.20
N CYS B 84 5.47 -6.23 -11.12
CA CYS B 84 6.00 -6.72 -9.84
C CYS B 84 5.06 -6.34 -8.70
N ASP B 85 3.85 -6.87 -8.77
CA ASP B 85 2.76 -6.36 -7.93
C ASP B 85 1.72 -7.46 -7.73
N PRO B 86 1.27 -7.68 -6.48
CA PRO B 86 0.22 -8.69 -6.27
C PRO B 86 -1.08 -8.39 -7.01
N LYS B 87 -1.35 -7.12 -7.28
CA LYS B 87 -2.44 -6.75 -8.19
C LYS B 87 -1.85 -6.82 -9.59
N HIS B 88 -2.10 -7.94 -10.26
CA HIS B 88 -1.27 -8.37 -11.39
C HIS B 88 -1.81 -7.93 -12.75
N ASP B 89 -2.13 -6.64 -12.85
CA ASP B 89 -2.57 -6.05 -14.13
C ASP B 89 -1.58 -5.01 -14.69
N SER B 90 -0.32 -5.08 -14.28
CA SER B 90 0.70 -4.13 -14.76
C SER B 90 0.74 -4.03 -16.27
N THR B 91 0.78 -5.18 -16.92
CA THR B 91 0.93 -5.28 -18.38
C THR B 91 -0.39 -5.50 -19.13
N PHE B 92 -1.51 -5.42 -18.40
CA PHE B 92 -2.84 -5.67 -18.94
C PHE B 92 -3.15 -4.84 -20.19
N THR B 93 -2.85 -3.54 -20.15
CA THR B 93 -3.19 -2.66 -21.28
C THR B 93 -2.22 -2.78 -22.46
N LEU B 94 -1.12 -3.48 -22.25
CA LEU B 94 -0.20 -3.80 -23.34
C LEU B 94 -0.59 -5.08 -24.09
N THR B 95 -1.09 -6.08 -23.37
CA THR B 95 -1.50 -7.34 -23.97
C THR B 95 -2.99 -7.42 -24.27
N GLY B 96 -3.78 -6.53 -23.67
CA GLY B 96 -5.23 -6.55 -23.80
C GLY B 96 -5.88 -7.71 -23.04
N SER B 97 -5.16 -8.23 -22.06
CA SER B 97 -5.59 -9.41 -21.29
C SER B 97 -4.70 -9.59 -20.07
N LEU B 98 -5.20 -10.34 -19.09
CA LEU B 98 -4.40 -10.73 -17.95
C LEU B 98 -3.61 -11.97 -18.35
N VAL B 99 -2.34 -11.80 -18.71
CA VAL B 99 -1.52 -12.94 -19.16
C VAL B 99 -1.25 -13.89 -17.99
N PRO B 100 -0.87 -15.13 -18.27
CA PRO B 100 -0.35 -16.00 -17.22
C PRO B 100 0.78 -15.32 -16.45
N THR B 101 0.76 -15.46 -15.14
CA THR B 101 1.74 -14.82 -14.29
C THR B 101 2.91 -15.76 -13.96
N VAL B 102 4.01 -15.19 -13.49
CA VAL B 102 5.15 -16.01 -13.09
C VAL B 102 4.74 -16.99 -11.99
N ILE B 103 3.93 -16.55 -11.03
CA ILE B 103 3.49 -17.44 -9.97
C ILE B 103 2.58 -18.56 -10.52
N ASP B 104 1.72 -18.23 -11.50
CA ASP B 104 0.93 -19.27 -12.22
C ASP B 104 1.82 -20.40 -12.73
N VAL B 105 2.85 -20.04 -13.49
CA VAL B 105 3.71 -21.03 -14.12
C VAL B 105 4.64 -21.72 -13.12
N LEU B 106 5.15 -20.99 -12.13
CA LEU B 106 5.93 -21.59 -11.05
C LEU B 106 5.11 -22.67 -10.34
N LYS B 107 3.86 -22.37 -10.00
CA LYS B 107 2.96 -23.36 -9.38
C LYS B 107 2.86 -24.60 -10.25
N ASP B 108 2.69 -24.39 -11.55
CA ASP B 108 2.45 -25.51 -12.47
C ASP B 108 3.64 -26.46 -12.56
N VAL B 109 4.85 -25.92 -12.43
CA VAL B 109 6.08 -26.72 -12.40
C VAL B 109 6.53 -27.06 -10.97
N ASP B 110 5.64 -26.90 -10.00
CA ASP B 110 5.90 -27.21 -8.60
C ASP B 110 7.19 -26.56 -8.07
N PHE B 111 7.37 -25.29 -8.45
CA PHE B 111 8.46 -24.45 -7.96
C PHE B 111 9.85 -25.00 -8.29
N HIS B 112 9.97 -25.56 -9.50
CA HIS B 112 11.24 -25.90 -10.10
C HIS B 112 11.45 -24.97 -11.30
N PRO B 113 11.97 -23.75 -11.06
CA PRO B 113 12.05 -22.73 -12.13
C PRO B 113 12.95 -23.18 -13.29
N GLU B 114 13.87 -24.07 -12.96
CA GLU B 114 14.63 -24.87 -13.93
C GLU B 114 13.86 -25.26 -15.21
N GLU B 115 12.60 -25.66 -15.04
CA GLU B 115 11.81 -26.21 -16.15
C GLU B 115 11.20 -25.15 -17.08
N LEU B 116 11.27 -23.89 -16.67
CA LEU B 116 10.62 -22.82 -17.43
C LEU B 116 11.51 -22.32 -18.57
N ARG B 117 10.88 -21.90 -19.67
CA ARG B 117 11.54 -21.20 -20.75
C ARG B 117 10.87 -19.82 -20.90
N PRO B 118 11.54 -18.86 -21.55
CA PRO B 118 10.95 -17.54 -21.70
C PRO B 118 9.52 -17.56 -22.26
N GLU B 119 9.25 -18.45 -23.23
CA GLU B 119 7.91 -18.59 -23.81
C GLU B 119 6.81 -18.90 -22.78
N ASP B 120 7.19 -19.44 -21.63
CA ASP B 120 6.23 -19.74 -20.58
C ASP B 120 5.73 -18.50 -19.83
N PHE B 121 6.55 -17.45 -19.80
CA PHE B 121 6.21 -16.28 -18.98
C PHE B 121 6.43 -14.90 -19.62
N VAL B 122 6.96 -14.86 -20.85
CA VAL B 122 7.13 -13.60 -21.58
C VAL B 122 6.14 -13.56 -22.73
N PHE B 123 5.34 -12.50 -22.79
CA PHE B 123 4.24 -12.39 -23.74
C PHE B 123 4.32 -11.16 -24.61
N GLU B 124 3.83 -11.29 -25.85
CA GLU B 124 3.84 -10.23 -26.83
C GLU B 124 2.68 -9.29 -26.63
N GLY B 125 2.95 -7.99 -26.60
CA GLY B 125 1.91 -7.00 -26.53
C GLY B 125 2.00 -5.94 -27.62
N PHE B 126 1.43 -4.79 -27.32
CA PHE B 126 1.33 -3.68 -28.25
C PHE B 126 2.64 -3.39 -28.95
N ASN B 127 2.60 -3.45 -30.28
CA ASN B 127 3.71 -3.07 -31.14
C ASN B 127 5.01 -3.81 -30.83
N GLY B 128 4.89 -5.02 -30.27
CA GLY B 128 6.05 -5.85 -29.97
C GLY B 128 6.63 -5.66 -28.58
N VAL B 129 6.03 -4.78 -27.77
CA VAL B 129 6.43 -4.65 -26.37
C VAL B 129 6.27 -6.00 -25.69
N MET B 130 7.31 -6.44 -25.00
CA MET B 130 7.30 -7.73 -24.34
C MET B 130 6.93 -7.55 -22.87
N CYS B 131 6.19 -8.53 -22.33
CA CYS B 131 5.48 -8.39 -21.06
C CYS B 131 5.64 -9.60 -20.17
N VAL B 132 6.02 -9.33 -18.92
CA VAL B 132 6.04 -10.34 -17.86
C VAL B 132 5.20 -9.82 -16.71
N GLU B 133 4.42 -10.69 -16.09
CA GLU B 133 3.59 -10.33 -14.96
C GLU B 133 3.90 -11.27 -13.78
N ALA B 134 4.52 -10.76 -12.73
CA ALA B 134 4.90 -11.59 -11.58
C ALA B 134 3.71 -12.25 -10.89
N GLY B 135 2.72 -11.45 -10.55
CA GLY B 135 1.67 -11.88 -9.64
C GLY B 135 2.18 -11.83 -8.21
N GLY B 136 1.37 -12.33 -7.28
CA GLY B 136 1.81 -12.40 -5.88
C GLY B 136 1.72 -13.81 -5.35
N PRO B 137 2.35 -14.06 -4.19
CA PRO B 137 2.31 -15.39 -3.62
C PRO B 137 1.00 -15.64 -2.92
N PRO B 138 0.71 -16.90 -2.61
CA PRO B 138 -0.46 -17.15 -1.76
C PRO B 138 -0.32 -16.36 -0.46
N ALA B 139 -1.32 -15.54 -0.15
CA ALA B 139 -1.20 -14.62 0.97
C ALA B 139 -1.12 -15.33 2.31
N GLY B 140 -0.34 -14.73 3.21
CA GLY B 140 -0.22 -15.23 4.59
C GLY B 140 0.74 -16.40 4.81
N THR B 141 1.47 -16.79 3.77
CA THR B 141 2.32 -18.00 3.86
C THR B 141 3.81 -17.69 3.96
N GLY B 142 4.23 -16.53 3.49
CA GLY B 142 5.65 -16.16 3.55
C GLY B 142 5.86 -14.69 3.22
N CYS B 143 7.04 -14.36 2.74
CA CYS B 143 7.38 -12.98 2.37
C CYS B 143 6.56 -12.52 1.18
N GLY B 144 5.90 -11.38 1.33
CA GLY B 144 5.08 -10.84 0.24
C GLY B 144 5.84 -10.62 -1.06
N GLY B 145 7.14 -10.35 -0.95
CA GLY B 145 8.00 -10.08 -2.11
C GLY B 145 8.51 -11.33 -2.83
N TYR B 146 8.14 -12.52 -2.36
CA TYR B 146 8.73 -13.76 -2.85
C TYR B 146 8.67 -13.90 -4.37
N VAL B 147 7.51 -13.64 -4.96
CA VAL B 147 7.36 -13.85 -6.40
C VAL B 147 8.16 -12.82 -7.20
N VAL B 148 8.23 -11.58 -6.74
CA VAL B 148 9.04 -10.59 -7.43
C VAL B 148 10.51 -11.04 -7.40
N GLY B 149 10.95 -11.57 -6.26
CA GLY B 149 12.30 -12.11 -6.13
C GLY B 149 12.59 -13.20 -7.14
N GLN B 150 11.66 -14.14 -7.28
CA GLN B 150 11.80 -15.23 -8.23
C GLN B 150 11.78 -14.77 -9.68
N THR B 151 11.00 -13.72 -9.93
CA THR B 151 10.86 -13.16 -11.28
C THR B 151 12.16 -12.51 -11.71
N VAL B 152 12.76 -11.73 -10.81
CA VAL B 152 14.06 -11.10 -11.08
C VAL B 152 15.11 -12.17 -11.38
N LYS B 153 15.14 -13.23 -10.56
CA LYS B 153 16.05 -14.36 -10.82
C LYS B 153 15.86 -14.96 -12.20
N LEU B 154 14.61 -15.16 -12.60
CA LEU B 154 14.29 -15.76 -13.90
CA LEU B 154 14.29 -15.75 -13.91
C LEU B 154 14.75 -14.84 -15.04
N LEU B 155 14.51 -13.54 -14.88
CA LEU B 155 14.93 -12.57 -15.90
C LEU B 155 16.43 -12.63 -16.12
N LYS B 156 17.20 -12.66 -15.03
CA LYS B 156 18.65 -12.74 -15.13
C LYS B 156 19.13 -14.08 -15.71
N GLN B 157 18.51 -15.17 -15.27
CA GLN B 157 18.83 -16.50 -15.76
C GLN B 157 18.73 -16.59 -17.28
N HIS B 158 17.71 -15.95 -17.83
CA HIS B 158 17.39 -16.03 -19.26
C HIS B 158 17.86 -14.80 -20.04
N HIS B 159 18.74 -14.00 -19.43
CA HIS B 159 19.38 -12.85 -20.06
C HIS B 159 18.39 -11.81 -20.64
N LEU B 160 17.23 -11.69 -20.00
CA LEU B 160 16.15 -10.85 -20.53
C LEU B 160 16.36 -9.35 -20.28
N LEU B 161 17.33 -8.99 -19.46
CA LEU B 161 17.73 -7.59 -19.31
C LEU B 161 18.81 -7.23 -20.33
N ASP B 162 19.52 -8.24 -20.82
CA ASP B 162 20.68 -8.02 -21.70
C ASP B 162 20.31 -7.74 -23.16
N ASP B 163 19.23 -8.34 -23.67
CA ASP B 163 18.94 -8.27 -25.12
C ASP B 163 17.67 -7.50 -25.49
N THR B 164 17.45 -6.38 -24.81
CA THR B 164 16.45 -5.40 -25.23
C THR B 164 17.01 -3.99 -24.98
N ASP B 165 16.28 -2.96 -25.40
CA ASP B 165 16.75 -1.58 -25.31
C ASP B 165 16.32 -0.92 -24.02
N VAL B 166 15.07 -1.17 -23.62
CA VAL B 166 14.48 -0.56 -22.42
C VAL B 166 13.75 -1.63 -21.58
N VAL B 167 14.03 -1.66 -20.28
CA VAL B 167 13.31 -2.50 -19.35
C VAL B 167 12.63 -1.61 -18.31
N ILE B 168 11.35 -1.84 -18.07
CA ILE B 168 10.60 -1.11 -17.04
C ILE B 168 9.98 -2.09 -16.04
N PHE B 169 10.46 -2.02 -14.81
CA PHE B 169 9.84 -2.70 -13.66
C PHE B 169 8.76 -1.80 -13.06
N ASP B 170 7.58 -2.38 -12.84
CA ASP B 170 6.42 -1.69 -12.27
C ASP B 170 6.17 -2.37 -10.92
N VAL B 171 6.55 -1.71 -9.83
CA VAL B 171 6.71 -2.39 -8.53
C VAL B 171 5.87 -1.77 -7.41
N LEU B 172 5.21 -2.64 -6.65
CA LEU B 172 4.60 -2.22 -5.39
C LEU B 172 5.59 -1.45 -4.55
N GLY B 173 5.15 -0.33 -3.98
CA GLY B 173 6.02 0.52 -3.17
C GLY B 173 5.45 1.05 -1.87
N ASP B 174 4.37 0.44 -1.40
CA ASP B 174 3.82 0.75 -0.08
C ASP B 174 4.79 0.32 1.01
N VAL B 175 5.57 -0.72 0.69
CA VAL B 175 6.79 -1.08 1.39
C VAL B 175 7.85 -1.31 0.29
N VAL B 176 9.12 -1.20 0.67
CA VAL B 176 10.21 -1.52 -0.24
C VAL B 176 11.20 -2.38 0.52
N CYS B 177 11.06 -3.69 0.34
CA CYS B 177 11.81 -4.66 1.11
C CYS B 177 11.65 -6.03 0.46
N GLY B 178 12.50 -6.97 0.88
CA GLY B 178 12.49 -8.31 0.31
C GLY B 178 12.54 -8.27 -1.20
N GLY B 179 11.79 -9.15 -1.84
CA GLY B 179 11.77 -9.19 -3.30
C GLY B 179 11.32 -7.89 -3.95
N PHE B 180 10.51 -7.07 -3.25
CA PHE B 180 10.08 -5.80 -3.84
C PHE B 180 11.22 -4.83 -4.08
N ALA B 181 12.31 -5.00 -3.33
CA ALA B 181 13.50 -4.19 -3.51
C ALA B 181 14.46 -4.79 -4.56
N ALA B 182 14.23 -6.02 -4.98
CA ALA B 182 15.14 -6.70 -5.91
C ALA B 182 15.34 -5.98 -7.25
N PRO B 183 14.28 -5.41 -7.85
CA PRO B 183 14.48 -4.63 -9.09
C PRO B 183 15.50 -3.49 -8.96
N LEU B 184 15.65 -2.94 -7.76
CA LEU B 184 16.62 -1.86 -7.53
C LEU B 184 18.07 -2.34 -7.61
N GLN B 185 18.27 -3.65 -7.54
CA GLN B 185 19.61 -4.23 -7.73
C GLN B 185 19.98 -4.36 -9.20
N HIS B 186 19.04 -4.02 -10.09
CA HIS B 186 19.26 -4.09 -11.55
C HIS B 186 18.96 -2.80 -12.30
N ALA B 187 18.23 -1.87 -11.68
CA ALA B 187 17.80 -0.65 -12.35
C ALA B 187 18.95 0.34 -12.49
N ASP B 188 18.92 1.10 -13.57
CA ASP B 188 19.79 2.26 -13.72
C ASP B 188 19.16 3.47 -13.04
N GLN B 189 17.85 3.61 -13.22
CA GLN B 189 17.11 4.77 -12.72
C GLN B 189 15.81 4.36 -12.04
N ALA B 190 15.54 4.96 -10.88
CA ALA B 190 14.27 4.76 -10.17
C ALA B 190 13.38 5.99 -10.34
N VAL B 191 12.13 5.73 -10.70
CA VAL B 191 11.12 6.76 -10.92
C VAL B 191 10.00 6.51 -9.91
N VAL B 192 9.54 7.56 -9.24
CA VAL B 192 8.44 7.46 -8.28
C VAL B 192 7.20 8.14 -8.85
N VAL B 193 6.06 7.45 -8.81
CA VAL B 193 4.80 8.07 -9.19
C VAL B 193 4.13 8.60 -7.93
N THR B 194 3.64 9.84 -8.03
CA THR B 194 3.05 10.54 -6.90
C THR B 194 1.99 11.50 -7.41
N ALA B 195 1.16 11.99 -6.48
CA ALA B 195 0.23 13.08 -6.75
C ALA B 195 0.47 14.11 -5.63
N ASN B 196 -0.44 15.07 -5.41
CA ASN B 196 -0.24 16.12 -4.39
C ASN B 196 -0.73 15.73 -2.99
N ASP B 197 -1.36 14.58 -2.88
CA ASP B 197 -2.00 14.16 -1.63
C ASP B 197 -0.96 13.67 -0.63
N PHE B 198 -1.32 13.68 0.63
CA PHE B 198 -0.37 13.35 1.69
C PHE B 198 0.21 11.94 1.57
N ASP B 199 -0.65 10.97 1.38
CA ASP B 199 -0.23 9.58 1.42
C ASP B 199 0.79 9.25 0.33
N SER B 200 0.59 9.78 -0.87
CA SER B 200 1.49 9.43 -1.97
C SER B 200 2.83 10.15 -1.82
N ILE B 201 2.83 11.38 -1.31
CA ILE B 201 4.09 12.10 -1.06
C ILE B 201 4.85 11.45 0.10
N TYR B 202 4.12 11.04 1.13
CA TYR B 202 4.71 10.36 2.27
C TYR B 202 5.37 9.04 1.82
N ALA B 203 4.67 8.29 0.98
CA ALA B 203 5.23 7.07 0.40
C ALA B 203 6.46 7.36 -0.45
N MET B 204 6.39 8.40 -1.30
CA MET B 204 7.53 8.82 -2.12
C MET B 204 8.76 9.11 -1.25
N ASN B 205 8.55 9.84 -0.15
CA ASN B 205 9.63 10.15 0.78
C ASN B 205 10.32 8.88 1.28
N ARG B 206 9.53 7.87 1.64
CA ARG B 206 10.12 6.62 2.13
C ARG B 206 10.78 5.84 1.00
N ILE B 207 10.22 5.91 -0.20
CA ILE B 207 10.84 5.27 -1.38
C ILE B 207 12.21 5.88 -1.71
N ILE B 208 12.33 7.20 -1.63
CA ILE B 208 13.63 7.87 -1.82
C ILE B 208 14.68 7.27 -0.90
N ALA B 209 14.36 7.18 0.39
CA ALA B 209 15.27 6.60 1.37
C ALA B 209 15.65 5.16 1.01
N ALA B 210 14.66 4.37 0.57
CA ALA B 210 14.90 2.99 0.20
C ALA B 210 15.87 2.89 -0.99
N VAL B 211 15.65 3.72 -2.00
CA VAL B 211 16.50 3.69 -3.20
C VAL B 211 17.94 4.08 -2.85
N GLN B 212 18.08 5.15 -2.07
CA GLN B 212 19.40 5.60 -1.64
C GLN B 212 20.16 4.57 -0.80
N ALA B 213 19.43 3.78 -0.01
CA ALA B 213 20.04 2.66 0.69
C ALA B 213 20.63 1.64 -0.29
N LYS B 214 19.91 1.35 -1.38
CA LYS B 214 20.41 0.41 -2.39
C LYS B 214 21.56 1.02 -3.19
N SER B 215 21.53 2.33 -3.37
CA SER B 215 22.58 3.05 -4.11
C SER B 215 23.99 2.87 -3.52
N LYS B 216 24.07 2.52 -2.24
CA LYS B 216 25.38 2.28 -1.61
C LYS B 216 26.09 1.04 -2.15
N ASN B 217 25.32 0.06 -2.62
CA ASN B 217 25.87 -1.21 -3.07
C ASN B 217 25.53 -1.55 -4.52
N TYR B 218 24.68 -0.74 -5.15
CA TYR B 218 24.18 -1.02 -6.49
C TYR B 218 24.16 0.27 -7.31
N LYS B 219 24.15 0.13 -8.62
CA LYS B 219 24.30 1.28 -9.53
C LYS B 219 23.11 2.23 -9.58
N VAL B 220 21.93 1.78 -9.15
CA VAL B 220 20.69 2.55 -9.29
C VAL B 220 20.80 3.94 -8.69
N ARG B 221 20.25 4.94 -9.39
CA ARG B 221 20.11 6.30 -8.86
C ARG B 221 18.66 6.73 -9.03
N LEU B 222 18.28 7.77 -8.31
CA LEU B 222 16.95 8.35 -8.47
C LEU B 222 16.90 9.31 -9.65
N ALA B 223 15.91 9.12 -10.52
CA ALA B 223 15.66 10.02 -11.64
C ALA B 223 14.77 11.18 -11.19
N GLY B 224 13.74 10.88 -10.41
CA GLY B 224 12.79 11.88 -9.97
C GLY B 224 11.40 11.30 -9.91
N CYS B 225 10.40 12.17 -9.92
CA CYS B 225 9.01 11.71 -9.84
C CYS B 225 8.15 12.13 -11.01
N VAL B 226 7.11 11.35 -11.24
CA VAL B 226 6.05 11.68 -12.17
C VAL B 226 4.83 12.08 -11.34
N ALA B 227 4.45 13.35 -11.43
CA ALA B 227 3.23 13.82 -10.79
C ALA B 227 2.07 13.35 -11.66
N ASN B 228 1.19 12.52 -11.11
CA ASN B 228 0.16 11.87 -11.90
C ASN B 228 -1.24 12.07 -11.35
N ARG B 229 -2.18 12.34 -12.26
CA ARG B 229 -3.59 12.43 -11.96
C ARG B 229 -3.89 13.61 -11.05
N SER B 230 -3.30 14.74 -11.39
CA SER B 230 -3.51 15.98 -10.65
C SER B 230 -3.45 17.19 -11.60
N ARG B 231 -4.18 18.26 -11.27
CA ARG B 231 -4.24 19.45 -12.13
C ARG B 231 -2.93 20.21 -12.16
N ALA B 232 -2.34 20.39 -10.98
CA ALA B 232 -1.09 21.13 -10.82
C ALA B 232 -0.17 20.29 -9.93
N THR B 233 0.98 20.85 -9.57
CA THR B 233 1.99 20.09 -8.85
C THR B 233 2.48 20.83 -7.61
N ASP B 234 1.59 21.60 -6.99
CA ASP B 234 1.98 22.51 -5.89
C ASP B 234 2.64 21.80 -4.71
N GLU B 235 1.98 20.79 -4.16
CA GLU B 235 2.52 20.06 -3.01
C GLU B 235 3.73 19.20 -3.40
N VAL B 236 3.66 18.56 -4.57
CA VAL B 236 4.78 17.79 -5.10
C VAL B 236 6.01 18.66 -5.24
N ASP B 237 5.84 19.88 -5.75
CA ASP B 237 6.97 20.78 -5.94
C ASP B 237 7.49 21.32 -4.62
N ARG B 238 6.60 21.57 -3.67
CA ARG B 238 7.04 21.98 -2.34
C ARG B 238 7.93 20.90 -1.73
N PHE B 239 7.50 19.65 -1.88
CA PHE B 239 8.28 18.52 -1.38
C PHE B 239 9.60 18.40 -2.12
N CYS B 240 9.56 18.54 -3.43
CA CYS B 240 10.78 18.45 -4.24
C CYS B 240 11.78 19.55 -3.87
N LYS B 241 11.29 20.76 -3.66
CA LYS B 241 12.15 21.88 -3.27
C LYS B 241 12.85 21.60 -1.94
N GLU B 242 12.09 21.07 -0.97
CA GLU B 242 12.63 20.77 0.35
C GLU B 242 13.68 19.65 0.31
N THR B 243 13.47 18.66 -0.55
CA THR B 243 14.32 17.46 -0.57
C THR B 243 15.39 17.46 -1.67
N ASN B 244 15.41 18.50 -2.49
CA ASN B 244 16.27 18.55 -3.68
C ASN B 244 15.97 17.38 -4.63
N PHE B 245 14.69 17.05 -4.74
CA PHE B 245 14.22 16.02 -5.66
C PHE B 245 13.82 16.74 -6.95
N ARG B 246 13.34 15.98 -7.93
CA ARG B 246 13.05 16.52 -9.25
C ARG B 246 11.77 15.93 -9.79
N ARG B 247 10.89 16.79 -10.29
CA ARG B 247 9.72 16.36 -11.05
C ARG B 247 10.15 16.20 -12.50
N LEU B 248 10.04 14.96 -13.00
CA LEU B 248 10.46 14.61 -14.35
C LEU B 248 9.37 14.87 -15.37
N ALA B 249 8.12 14.79 -14.92
CA ALA B 249 6.98 14.92 -15.80
C ALA B 249 5.72 15.11 -14.98
N HIS B 250 4.67 15.56 -15.67
CA HIS B 250 3.37 15.76 -15.06
C HIS B 250 2.27 15.32 -16.02
N MET B 251 1.41 14.41 -15.52
CA MET B 251 0.29 13.88 -16.28
CA MET B 251 0.28 13.90 -16.29
C MET B 251 -1.00 14.28 -15.57
N PRO B 252 -1.84 15.12 -16.21
CA PRO B 252 -3.09 15.45 -15.55
C PRO B 252 -4.03 14.26 -15.42
N ASP B 253 -5.12 14.45 -14.68
CA ASP B 253 -6.18 13.46 -14.59
C ASP B 253 -7.02 13.49 -15.88
N LEU B 254 -6.84 12.47 -16.72
CA LEU B 254 -7.48 12.44 -18.04
C LEU B 254 -8.53 11.32 -18.15
N ASP B 255 -9.72 11.70 -18.60
CA ASP B 255 -10.81 10.74 -18.81
C ASP B 255 -10.42 9.63 -19.79
N ALA B 256 -9.60 9.95 -20.78
CA ALA B 256 -9.12 8.97 -21.77
C ALA B 256 -8.25 7.89 -21.15
N ILE B 257 -7.48 8.25 -20.12
CA ILE B 257 -6.59 7.30 -19.44
C ILE B 257 -7.41 6.28 -18.66
N ARG B 258 -8.39 6.76 -17.90
CA ARG B 258 -9.25 5.90 -17.11
C ARG B 258 -10.02 4.96 -18.03
N ARG B 259 -10.50 5.51 -19.15
CA ARG B 259 -11.21 4.74 -20.17
C ARG B 259 -10.32 3.67 -20.80
N SER B 260 -9.07 4.02 -21.07
CA SER B 260 -8.13 3.09 -21.71
C SER B 260 -7.97 1.81 -20.92
N ARG B 261 -7.95 1.93 -19.59
CA ARG B 261 -7.80 0.76 -18.73
C ARG B 261 -9.02 -0.15 -18.90
N LEU B 262 -10.20 0.42 -18.92
CA LEU B 262 -11.43 -0.35 -19.15
C LEU B 262 -11.42 -1.01 -20.53
N LYS B 263 -10.91 -0.29 -21.54
CA LYS B 263 -10.84 -0.77 -22.93
C LYS B 263 -9.65 -1.72 -23.18
N LYS B 264 -8.80 -1.90 -22.18
CA LYS B 264 -7.67 -2.83 -22.23
C LYS B 264 -6.60 -2.40 -23.25
N LYS B 265 -6.33 -1.11 -23.35
CA LYS B 265 -5.31 -0.59 -24.28
C LYS B 265 -4.62 0.64 -23.70
N THR B 266 -3.53 1.04 -24.33
CA THR B 266 -2.75 2.20 -23.90
C THR B 266 -3.32 3.46 -24.53
N LEU B 267 -2.85 4.61 -24.06
CA LEU B 267 -3.28 5.91 -24.59
C LEU B 267 -2.96 6.05 -26.06
N PHE B 268 -1.88 5.38 -26.48
CA PHE B 268 -1.41 5.45 -27.85
C PHE B 268 -2.32 4.74 -28.85
N GLU B 269 -3.34 4.05 -28.34
CA GLU B 269 -4.35 3.40 -29.16
C GLU B 269 -5.74 4.00 -28.96
N MET B 270 -5.85 5.02 -28.10
CA MET B 270 -7.13 5.65 -27.81
C MET B 270 -7.52 6.64 -28.89
N ASP B 271 -8.84 6.73 -29.14
CA ASP B 271 -9.37 7.65 -30.15
C ASP B 271 -8.89 9.06 -29.84
N GLU B 272 -8.47 9.75 -30.89
CA GLU B 272 -7.64 10.93 -30.76
C GLU B 272 -8.43 12.19 -30.40
N ASP B 273 -7.78 13.05 -29.63
CA ASP B 273 -8.34 14.35 -29.27
C ASP B 273 -7.22 15.23 -28.69
N GLN B 274 -7.54 16.47 -28.37
CA GLN B 274 -6.56 17.46 -27.92
C GLN B 274 -5.78 17.02 -26.68
N ASP B 275 -6.49 16.48 -25.68
CA ASP B 275 -5.84 16.03 -24.44
C ASP B 275 -4.98 14.79 -24.68
N VAL B 276 -5.57 13.80 -25.35
CA VAL B 276 -4.90 12.53 -25.66
C VAL B 276 -3.59 12.75 -26.43
N LEU B 277 -3.60 13.69 -27.37
CA LEU B 277 -2.39 14.03 -28.12
C LEU B 277 -1.36 14.66 -27.18
N ALA B 278 -1.81 15.58 -26.34
CA ALA B 278 -0.92 16.22 -25.36
C ALA B 278 -0.34 15.20 -24.39
N ALA B 279 -1.18 14.28 -23.91
CA ALA B 279 -0.77 13.21 -23.00
C ALA B 279 0.25 12.26 -23.62
N ARG B 280 -0.01 11.81 -24.84
CA ARG B 280 0.95 11.04 -25.62
C ARG B 280 2.27 11.80 -25.74
N ALA B 281 2.19 13.07 -26.11
CA ALA B 281 3.38 13.90 -26.30
C ALA B 281 4.21 14.00 -25.03
N GLU B 282 3.52 14.08 -23.89
CA GLU B 282 4.19 14.13 -22.60
C GLU B 282 4.88 12.81 -22.26
N TYR B 283 4.22 11.68 -22.55
CA TYR B 283 4.84 10.37 -22.37
C TYR B 283 6.05 10.20 -23.30
N ILE B 284 5.92 10.67 -24.54
CA ILE B 284 7.05 10.69 -25.47
C ILE B 284 8.20 11.56 -24.94
N ARG B 285 7.89 12.76 -24.47
CA ARG B 285 8.92 13.67 -23.94
C ARG B 285 9.65 13.04 -22.76
N LEU B 286 8.90 12.41 -21.86
CA LEU B 286 9.47 11.72 -20.71
C LEU B 286 10.39 10.59 -21.16
N ALA B 287 9.90 9.76 -22.09
CA ALA B 287 10.71 8.67 -22.65
C ALA B 287 12.00 9.21 -23.27
N GLU B 288 11.87 10.27 -24.06
CA GLU B 288 13.02 10.90 -24.68
C GLU B 288 14.04 11.39 -23.64
N SER B 289 13.55 11.99 -22.56
CA SER B 289 14.41 12.52 -21.51
CA SER B 289 14.41 12.52 -21.50
C SER B 289 15.13 11.41 -20.75
N LEU B 290 14.43 10.30 -20.49
CA LEU B 290 15.03 9.16 -19.80
C LEU B 290 16.06 8.46 -20.68
N TRP B 291 15.79 8.40 -21.98
CA TRP B 291 16.72 7.78 -22.93
C TRP B 291 18.01 8.59 -23.07
N ARG B 292 17.90 9.90 -23.25
CA ARG B 292 19.11 10.73 -23.36
C ARG B 292 19.77 10.91 -21.99
N GLY B 293 18.97 10.82 -20.93
CA GLY B 293 19.46 10.94 -19.57
C GLY B 293 19.42 12.36 -19.06
N LEU B 294 19.18 12.51 -17.76
CA LEU B 294 19.22 13.81 -17.09
C LEU B 294 20.45 13.89 -16.21
N ASP B 295 20.82 15.12 -15.80
CA ASP B 295 21.90 15.32 -14.84
C ASP B 295 21.68 14.52 -13.57
N PRO B 296 22.76 14.03 -12.92
CA PRO B 296 22.55 13.32 -11.67
C PRO B 296 22.07 14.22 -10.53
N ILE B 297 21.04 13.80 -9.80
CA ILE B 297 20.55 14.55 -8.64
C ILE B 297 21.00 13.90 -7.36
N ASP B 298 20.91 14.65 -6.26
CA ASP B 298 21.32 14.15 -4.94
C ASP B 298 20.30 14.61 -3.90
N PRO B 299 19.11 14.00 -3.93
CA PRO B 299 18.05 14.37 -3.01
C PRO B 299 18.28 13.77 -1.63
N HIS B 300 17.50 14.22 -0.66
CA HIS B 300 17.51 13.63 0.68
C HIS B 300 16.08 13.43 1.16
N SER B 301 15.80 12.25 1.72
CA SER B 301 14.51 12.02 2.34
C SER B 301 14.47 12.78 3.67
N LEU B 302 13.28 13.12 4.10
CA LEU B 302 13.07 13.80 5.37
C LEU B 302 12.58 12.79 6.40
N PRO B 303 12.78 13.07 7.70
CA PRO B 303 12.14 12.24 8.70
C PRO B 303 10.64 12.22 8.52
N ASP B 304 10.02 11.07 8.75
CA ASP B 304 8.58 10.92 8.56
C ASP B 304 7.80 12.02 9.27
N ARG B 305 8.20 12.30 10.51
CA ARG B 305 7.55 13.32 11.33
C ARG B 305 7.57 14.69 10.62
N ASP B 306 8.64 14.95 9.89
CA ASP B 306 8.80 16.22 9.18
C ASP B 306 7.89 16.33 7.94
N ILE B 307 7.44 15.21 7.38
CA ILE B 307 6.47 15.21 6.28
C ILE B 307 5.12 15.67 6.82
N PHE B 308 4.71 15.14 7.97
CA PHE B 308 3.48 15.61 8.60
C PHE B 308 3.52 17.13 8.80
N GLU B 309 4.67 17.64 9.25
CA GLU B 309 4.85 19.09 9.50
C GLU B 309 4.78 19.88 8.19
N LEU B 310 5.54 19.42 7.20
CA LEU B 310 5.67 20.12 5.92
C LEU B 310 4.32 20.29 5.24
N LEU B 311 3.52 19.23 5.27
CA LEU B 311 2.26 19.19 4.55
C LEU B 311 1.06 19.56 5.42
N GLY B 312 1.30 19.93 6.67
CA GLY B 312 0.26 20.47 7.54
C GLY B 312 -0.70 19.45 8.09
N PHE B 313 -0.20 18.24 8.32
CA PHE B 313 -1.03 17.12 8.79
CA PHE B 313 -1.02 17.12 8.77
C PHE B 313 -0.70 16.69 10.20
N ASP B 314 0.09 17.49 10.92
CA ASP B 314 0.30 17.27 12.35
C ASP B 314 -0.58 18.23 13.16
MG MG C . -3.52 4.87 9.38
PB ADP D . -5.50 4.72 6.83
O1B ADP D . -6.25 3.51 6.29
O2B ADP D . -4.29 5.08 6.02
O3B ADP D . -5.27 4.67 8.30
PA ADP D . -7.10 7.08 7.56
O1A ADP D . -5.95 7.91 8.07
O2A ADP D . -8.01 6.53 8.61
O3A ADP D . -6.55 5.92 6.55
O5' ADP D . -8.00 7.97 6.57
C5' ADP D . -7.43 8.63 5.45
C4' ADP D . -8.10 10.00 5.30
O4' ADP D . -9.50 9.81 5.01
C3' ADP D . -8.04 10.86 6.53
O3' ADP D . -7.82 12.24 6.13
C2' ADP D . -9.39 10.67 7.19
O2' ADP D . -9.85 11.75 8.02
C1' ADP D . -10.30 10.47 5.99
N9 ADP D . -11.46 9.59 6.24
C8 ADP D . -11.39 8.27 6.57
N7 ADP D . -12.63 7.74 6.69
C5 ADP D . -13.51 8.73 6.40
C6 ADP D . -14.97 8.85 6.36
N6 ADP D . -15.75 7.79 6.63
N1 ADP D . -15.50 10.04 6.05
C2 ADP D . -14.73 11.11 5.77
N3 ADP D . -13.39 11.08 5.80
C4 ADP D . -12.74 9.93 6.11
MG MG E . -0.28 -1.48 -10.91
FE1 SF4 F . 6.82 -8.59 4.03
FE2 SF4 F . 9.12 -8.31 5.35
FE3 SF4 F . 9.01 -9.51 2.91
FE4 SF4 F . 8.73 -6.83 3.16
S1 SF4 F . 10.62 -8.09 3.59
S2 SF4 F . 7.47 -8.14 1.85
S3 SF4 F . 7.46 -6.73 5.12
S4 SF4 F . 8.10 -10.28 4.93
PB ADP G . -1.15 1.42 -9.64
O1B ADP G . -0.27 2.45 -9.04
O2B ADP G . -1.88 0.58 -8.65
O3B ADP G . -0.53 0.60 -10.77
PA ADP G . -2.91 2.19 -11.87
O1A ADP G . -3.56 0.89 -12.02
O2A ADP G . -1.94 2.76 -12.86
O3A ADP G . -2.27 2.34 -10.38
O5' ADP G . -4.08 3.30 -11.77
C5' ADP G . -5.20 3.11 -10.92
C4' ADP G . -6.43 3.76 -11.55
O4' ADP G . -6.22 5.16 -11.77
C3' ADP G . -6.68 3.14 -12.91
O3' ADP G . -8.08 2.91 -13.05
C2' ADP G . -6.14 4.15 -13.90
O2' ADP G . -6.82 4.07 -15.15
C1' ADP G . -6.34 5.47 -13.18
N9 ADP G . -5.35 6.52 -13.52
C8 ADP G . -4.04 6.50 -13.28
N7 ADP G . -3.44 7.63 -13.73
C5 ADP G . -4.41 8.39 -14.25
C6 ADP G . -4.49 9.72 -14.89
N6 ADP G . -3.36 10.44 -15.05
N1 ADP G . -5.70 10.16 -15.30
C2 ADP G . -6.82 9.42 -15.13
N3 ADP G . -6.83 8.21 -14.56
C4 ADP G . -5.66 7.66 -14.12
#